data_6FMX
#
_entry.id   6FMX
#
_cell.length_a   68.757
_cell.length_b   76.801
_cell.length_c   98.912
_cell.angle_alpha   90.00
_cell.angle_beta   90.00
_cell.angle_gamma   90.00
#
_symmetry.space_group_name_H-M   'I 2 2 2'
#
loop_
_entity.id
_entity.type
_entity.pdbx_description
1 polymer 'Phosphatidylglycerophosphatase B'
2 non-polymer '(2R)-2,3-dihydroxypropyl (9Z)-octadec-9-enoate'
3 non-polymer TUNGSTATE(VI)ION
4 water water
#
_entity_poly.entity_id   1
_entity_poly.type   'polypeptide(L)'
_entity_poly.pdbx_seq_one_letter_code
;MHHHHHHSSGRENLYFQGHMYKPVSLFLFFLILAAAIHTNAVQSADEAISKAAVLIRQPWLNEVMTGITHLGASSFLLPL
IVIIGAGMFFYRKTWDGLLMLLVFGTDRLLNKVLKEWIERVRPDFAPLVHESSFSFPSGHSMNAACVYPVIAYFLVKHLP
FLSKHKKMVYIIAGVIAVLVGISRVYLGVHFVTDVLGGFSLGLLLFFLVKGFDEKIKRFRQK
;
_entity_poly.pdbx_strand_id   A
#
loop_
_chem_comp.id
_chem_comp.type
_chem_comp.name
_chem_comp.formula
OLC non-polymer '(2R)-2,3-dihydroxypropyl (9Z)-octadec-9-enoate' 'C21 H40 O4'
WO4 non-polymer TUNGSTATE(VI)ION 'O4 W -2'
#
# COMPACT_ATOMS: atom_id res chain seq x y z
N MET A 20 -19.86 5.48 -0.06
CA MET A 20 -20.32 4.71 1.09
C MET A 20 -19.27 4.82 2.21
N TYR A 21 -19.55 4.17 3.35
CA TYR A 21 -18.88 4.53 4.59
C TYR A 21 -17.36 4.37 4.50
N LYS A 22 -16.89 3.19 4.12
CA LYS A 22 -15.46 2.91 4.25
C LYS A 22 -14.57 3.71 3.29
N PRO A 23 -14.89 3.85 2.00
CA PRO A 23 -14.00 4.68 1.17
C PRO A 23 -14.09 6.16 1.47
N VAL A 24 -15.24 6.65 1.93
CA VAL A 24 -15.34 8.07 2.28
C VAL A 24 -14.54 8.37 3.54
N SER A 25 -14.59 7.47 4.53
CA SER A 25 -13.83 7.67 5.76
C SER A 25 -12.34 7.72 5.49
N LEU A 26 -11.86 6.82 4.61
CA LEU A 26 -10.44 6.82 4.25
C LEU A 26 -10.06 8.09 3.51
N PHE A 27 -10.94 8.57 2.63
CA PHE A 27 -10.66 9.80 1.90
C PHE A 27 -10.61 10.99 2.84
N LEU A 28 -11.55 11.06 3.78
CA LEU A 28 -11.55 12.14 4.76
C LEU A 28 -10.32 12.03 5.67
N PHE A 29 -9.93 10.80 6.04
CA PHE A 29 -8.74 10.62 6.85
C PHE A 29 -7.51 11.14 6.13
N PHE A 30 -7.41 10.92 4.81
CA PHE A 30 -6.25 11.39 4.08
C PHE A 30 -6.19 12.91 4.06
N LEU A 31 -7.33 13.57 3.83
CA LEU A 31 -7.35 15.03 3.81
C LEU A 31 -6.90 15.60 5.14
N ILE A 32 -7.38 15.02 6.24
CA ILE A 32 -7.00 15.50 7.56
C ILE A 32 -5.51 15.31 7.78
N LEU A 33 -4.97 14.18 7.35
CA LEU A 33 -3.52 13.95 7.45
C LEU A 33 -2.74 14.92 6.57
N ALA A 34 -3.20 15.13 5.33
CA ALA A 34 -2.53 16.06 4.43
C ALA A 34 -2.48 17.47 4.98
N ALA A 35 -3.43 17.85 5.81
CA ALA A 35 -3.38 19.11 6.54
C ALA A 35 -2.51 19.01 7.77
N ALA A 36 -2.63 17.90 8.51
CA ALA A 36 -1.97 17.80 9.81
C ALA A 36 -0.45 17.78 9.67
N ILE A 37 0.08 17.28 8.56
CA ILE A 37 1.53 17.21 8.39
C ILE A 37 2.17 18.59 8.30
N HIS A 38 1.36 19.64 8.12
CA HIS A 38 1.86 21.00 8.11
C HIS A 38 1.89 21.63 9.49
N THR A 39 1.45 20.92 10.51
CA THR A 39 1.55 21.42 11.87
C THR A 39 2.88 20.99 12.45
N ASN A 40 3.46 21.88 13.26
CA ASN A 40 4.74 21.54 13.88
C ASN A 40 4.57 20.40 14.87
N ALA A 41 3.39 20.27 15.49
CA ALA A 41 3.16 19.20 16.45
C ALA A 41 3.26 17.83 15.79
N VAL A 42 2.74 17.68 14.57
CA VAL A 42 2.82 16.40 13.89
C VAL A 42 4.22 16.17 13.33
N GLN A 43 4.83 17.23 12.77
CA GLN A 43 6.20 17.11 12.28
C GLN A 43 7.15 16.68 13.38
N SER A 44 6.95 17.20 14.60
CA SER A 44 7.81 16.84 15.72
C SER A 44 7.58 15.40 16.15
N ALA A 45 6.32 14.97 16.19
CA ALA A 45 6.03 13.58 16.53
C ALA A 45 6.55 12.65 15.44
N ASP A 46 6.43 13.06 14.16
CA ASP A 46 6.96 12.26 13.06
C ASP A 46 8.48 12.10 13.18
N GLU A 47 9.18 13.20 13.48
CA GLU A 47 10.62 13.12 13.70
C GLU A 47 10.96 12.20 14.87
N ALA A 48 10.21 12.31 15.97
CA ALA A 48 10.54 11.52 17.16
C ALA A 48 10.34 10.03 16.91
N ILE A 49 9.32 9.66 16.14
CA ILE A 49 9.07 8.24 15.86
C ILE A 49 10.10 7.72 14.87
N SER A 50 10.44 8.53 13.87
CA SER A 50 11.45 8.14 12.89
C SER A 50 12.77 7.83 13.58
N LYS A 51 13.22 8.74 14.47
CA LYS A 51 14.49 8.52 15.17
C LYS A 51 14.39 7.38 16.18
N ALA A 52 13.24 7.25 16.86
CA ALA A 52 13.08 6.14 17.79
C ALA A 52 13.20 4.79 17.09
N ALA A 53 12.75 4.71 15.84
CA ALA A 53 12.85 3.45 15.10
C ALA A 53 14.31 3.06 14.88
N VAL A 54 15.21 4.03 14.73
CA VAL A 54 16.63 3.72 14.59
C VAL A 54 17.16 2.94 15.78
N LEU A 55 16.60 3.18 16.97
CA LEU A 55 17.08 2.55 18.19
C LEU A 55 16.86 1.04 18.19
N ILE A 56 15.87 0.55 17.45
CA ILE A 56 15.59 -0.88 17.39
C ILE A 56 16.43 -1.58 16.34
N ARG A 57 17.13 -0.84 15.48
CA ARG A 57 17.83 -1.44 14.36
C ARG A 57 18.93 -2.38 14.82
N GLN A 58 19.08 -3.47 14.07
CA GLN A 58 20.25 -4.33 14.03
C GLN A 58 20.57 -4.61 12.58
N PRO A 59 21.84 -4.85 12.24
CA PRO A 59 22.18 -5.13 10.85
C PRO A 59 21.44 -6.32 10.25
N TRP A 60 21.28 -7.41 11.01
CA TRP A 60 20.48 -8.53 10.50
C TRP A 60 19.05 -8.08 10.19
N LEU A 61 18.47 -7.28 11.08
CA LEU A 61 17.10 -6.79 10.88
C LEU A 61 17.01 -5.77 9.76
N ASN A 62 18.07 -4.99 9.55
CA ASN A 62 18.16 -4.11 8.38
C ASN A 62 17.96 -4.92 7.10
N GLU A 63 18.64 -6.07 7.00
CA GLU A 63 18.52 -6.93 5.82
C GLU A 63 17.11 -7.47 5.68
N VAL A 64 16.54 -7.97 6.78
CA VAL A 64 15.20 -8.52 6.74
C VAL A 64 14.20 -7.44 6.31
N MET A 65 14.35 -6.24 6.89
CA MET A 65 13.40 -5.17 6.59
C MET A 65 13.53 -4.69 5.15
N THR A 66 14.73 -4.74 4.59
CA THR A 66 14.91 -4.41 3.18
C THR A 66 14.25 -5.44 2.28
N GLY A 67 14.34 -6.72 2.66
CA GLY A 67 13.61 -7.75 1.93
C GLY A 67 12.11 -7.54 2.01
N ILE A 68 11.60 -7.26 3.22
CA ILE A 68 10.18 -7.00 3.39
C ILE A 68 9.74 -5.83 2.53
N THR A 69 10.53 -4.77 2.49
CA THR A 69 10.09 -3.56 1.82
C THR A 69 9.92 -3.77 0.31
N HIS A 70 10.65 -4.75 -0.25
CA HIS A 70 10.54 -5.03 -1.67
C HIS A 70 9.16 -5.54 -2.06
N LEU A 71 8.42 -6.13 -1.10
CA LEU A 71 7.06 -6.55 -1.37
C LEU A 71 6.15 -5.36 -1.71
N GLY A 72 6.55 -4.14 -1.34
CA GLY A 72 5.82 -2.94 -1.68
C GLY A 72 6.33 -2.21 -2.89
N ALA A 73 7.42 -2.67 -3.50
CA ALA A 73 8.02 -1.95 -4.62
C ALA A 73 7.21 -2.18 -5.89
N SER A 74 6.97 -1.09 -6.63
CA SER A 74 6.22 -1.22 -7.87
C SER A 74 6.95 -2.09 -8.87
N SER A 75 8.28 -2.15 -8.79
CA SER A 75 9.02 -3.06 -9.66
C SER A 75 8.76 -4.52 -9.33
N PHE A 76 8.33 -4.82 -8.10
CA PHE A 76 7.93 -6.17 -7.75
C PHE A 76 6.45 -6.42 -8.02
N LEU A 77 5.60 -5.42 -7.76
CA LEU A 77 4.17 -5.65 -7.84
C LEU A 77 3.66 -5.72 -9.27
N LEU A 78 4.27 -4.98 -10.21
CA LEU A 78 3.82 -5.08 -11.59
C LEU A 78 3.99 -6.50 -12.15
N PRO A 79 5.18 -7.14 -12.05
CA PRO A 79 5.24 -8.54 -12.50
C PRO A 79 4.38 -9.47 -11.67
N LEU A 80 4.20 -9.20 -10.38
CA LEU A 80 3.33 -10.04 -9.56
C LEU A 80 1.90 -10.00 -10.07
N ILE A 81 1.37 -8.79 -10.31
CA ILE A 81 0.00 -8.66 -10.79
C ILE A 81 -0.17 -9.37 -12.13
N VAL A 82 0.80 -9.17 -13.03
CA VAL A 82 0.76 -9.78 -14.36
C VAL A 82 0.78 -11.30 -14.25
N ILE A 83 1.57 -11.84 -13.31
CA ILE A 83 1.66 -13.28 -13.13
C ILE A 83 0.34 -13.84 -12.58
N ILE A 84 -0.19 -13.20 -11.55
CA ILE A 84 -1.43 -13.67 -10.94
C ILE A 84 -2.57 -13.55 -11.94
N GLY A 85 -2.61 -12.43 -12.67
CA GLY A 85 -3.67 -12.24 -13.66
C GLY A 85 -3.59 -13.26 -14.77
N ALA A 86 -2.38 -13.57 -15.23
CA ALA A 86 -2.20 -14.61 -16.23
C ALA A 86 -2.63 -15.96 -15.68
N GLY A 87 -2.22 -16.27 -14.44
CA GLY A 87 -2.68 -17.50 -13.81
C GLY A 87 -4.19 -17.60 -13.76
N MET A 88 -4.86 -16.51 -13.36
CA MET A 88 -6.31 -16.54 -13.26
C MET A 88 -6.95 -16.71 -14.63
N PHE A 89 -6.32 -16.16 -15.67
CA PHE A 89 -6.87 -16.30 -17.02
C PHE A 89 -6.84 -17.77 -17.46
N PHE A 90 -5.70 -18.44 -17.29
CA PHE A 90 -5.63 -19.84 -17.66
C PHE A 90 -6.55 -20.69 -16.80
N TYR A 91 -6.63 -20.39 -15.51
CA TYR A 91 -7.39 -21.25 -14.60
C TYR A 91 -8.89 -21.09 -14.81
N ARG A 92 -9.37 -19.85 -14.93
CA ARG A 92 -10.80 -19.59 -14.96
C ARG A 92 -11.28 -18.78 -16.16
N LYS A 93 -10.40 -18.43 -17.09
CA LYS A 93 -10.75 -17.65 -18.27
C LYS A 93 -11.24 -16.26 -17.92
N THR A 94 -10.84 -15.73 -16.76
CA THR A 94 -11.24 -14.39 -16.36
C THR A 94 -10.24 -13.36 -16.85
N TRP A 95 -10.75 -12.16 -17.12
CA TRP A 95 -9.91 -11.03 -17.49
C TRP A 95 -9.69 -10.08 -16.32
N ASP A 96 -10.02 -10.51 -15.10
CA ASP A 96 -9.95 -9.63 -13.94
C ASP A 96 -8.53 -9.13 -13.68
N GLY A 97 -7.51 -9.79 -14.24
CA GLY A 97 -6.16 -9.26 -14.16
C GLY A 97 -6.04 -7.88 -14.76
N LEU A 98 -6.89 -7.57 -15.74
CA LEU A 98 -6.87 -6.23 -16.30
C LEU A 98 -7.38 -5.20 -15.30
N LEU A 99 -8.41 -5.56 -14.53
CA LEU A 99 -8.86 -4.69 -13.45
C LEU A 99 -7.76 -4.47 -12.43
N MET A 100 -7.00 -5.53 -12.11
CA MET A 100 -5.90 -5.39 -11.16
C MET A 100 -4.84 -4.43 -11.70
N LEU A 101 -4.49 -4.54 -12.99
CA LEU A 101 -3.50 -3.62 -13.55
C LEU A 101 -4.03 -2.20 -13.56
N LEU A 102 -5.32 -2.02 -13.84
CA LEU A 102 -5.90 -0.69 -13.89
C LEU A 102 -5.84 -0.02 -12.52
N VAL A 103 -6.26 -0.73 -11.48
CA VAL A 103 -6.25 -0.12 -10.16
C VAL A 103 -4.82 0.14 -9.70
N PHE A 104 -3.88 -0.72 -10.10
CA PHE A 104 -2.47 -0.48 -9.79
C PHE A 104 -1.97 0.78 -10.48
N GLY A 105 -2.24 0.89 -11.79
CA GLY A 105 -1.83 2.08 -12.51
C GLY A 105 -2.46 3.35 -11.96
N THR A 106 -3.75 3.28 -11.66
CA THR A 106 -4.42 4.39 -10.98
C THR A 106 -3.69 4.75 -9.70
N ASP A 107 -3.32 3.72 -8.94
CA ASP A 107 -2.64 3.92 -7.68
C ASP A 107 -1.31 4.65 -7.86
N ARG A 108 -0.51 4.19 -8.83
CA ARG A 108 0.79 4.83 -9.04
C ARG A 108 0.63 6.25 -9.54
N LEU A 109 -0.36 6.49 -10.41
CA LEU A 109 -0.58 7.83 -10.92
C LEU A 109 -1.00 8.79 -9.81
N LEU A 110 -1.92 8.35 -8.95
CA LEU A 110 -2.40 9.21 -7.87
C LEU A 110 -1.29 9.52 -6.87
N ASN A 111 -0.49 8.52 -6.51
CA ASN A 111 0.62 8.74 -5.59
C ASN A 111 1.60 9.76 -6.15
N LYS A 112 1.93 9.66 -7.45
CA LYS A 112 2.87 10.58 -8.06
C LYS A 112 2.32 12.01 -8.08
N VAL A 113 1.04 12.16 -8.43
CA VAL A 113 0.45 13.50 -8.51
C VAL A 113 0.40 14.14 -7.13
N LEU A 114 -0.02 13.38 -6.11
CA LEU A 114 -0.07 13.94 -4.77
C LEU A 114 1.31 14.28 -4.24
N LYS A 115 2.30 13.44 -4.52
CA LYS A 115 3.66 13.70 -4.03
C LYS A 115 4.19 15.02 -4.58
N GLU A 116 4.03 15.22 -5.89
CA GLU A 116 4.59 16.41 -6.54
C GLU A 116 3.78 17.66 -6.19
N TRP A 117 2.52 17.49 -5.81
CA TRP A 117 1.71 18.61 -5.37
C TRP A 117 2.09 19.03 -3.95
N ILE A 118 2.32 18.06 -3.08
CA ILE A 118 2.50 18.32 -1.66
C ILE A 118 3.97 18.64 -1.33
N GLU A 119 4.90 17.94 -1.97
CA GLU A 119 6.34 18.27 -1.89
C GLU A 119 6.90 18.19 -0.48
N ARG A 120 6.54 17.13 0.25
CA ARG A 120 7.10 16.96 1.59
C ARG A 120 8.54 16.47 1.50
N VAL A 121 9.41 17.06 2.33
CA VAL A 121 10.80 16.66 2.41
C VAL A 121 10.92 15.35 3.16
N ARG A 122 11.81 14.48 2.69
CA ARG A 122 12.03 13.17 3.31
C ARG A 122 12.67 13.32 4.70
N PRO A 123 12.58 12.29 5.54
CA PRO A 123 13.21 12.40 6.87
C PRO A 123 14.70 12.73 6.83
N ASP A 124 15.48 11.94 6.09
CA ASP A 124 16.92 12.17 5.87
C ASP A 124 17.72 12.26 7.17
N PHE A 125 17.30 11.54 8.21
CA PHE A 125 18.12 11.34 9.39
C PHE A 125 19.05 10.15 9.22
N ALA A 126 18.53 9.06 8.68
CA ALA A 126 19.26 7.80 8.68
C ALA A 126 18.68 6.82 7.67
N PRO A 127 18.57 7.18 6.40
CA PRO A 127 17.96 6.26 5.43
C PRO A 127 18.83 5.04 5.22
N LEU A 128 18.19 3.88 5.07
CA LEU A 128 18.91 2.67 4.71
C LEU A 128 18.69 2.26 3.26
N VAL A 129 17.79 2.93 2.56
CA VAL A 129 17.53 2.64 1.16
C VAL A 129 17.46 3.97 0.40
N HIS A 130 17.63 3.86 -0.91
CA HIS A 130 17.64 5.02 -1.78
C HIS A 130 16.21 5.45 -2.11
N GLU A 131 16.04 6.76 -2.30
CA GLU A 131 14.77 7.32 -2.76
C GLU A 131 15.08 8.54 -3.62
N SER A 132 14.18 8.82 -4.57
CA SER A 132 14.38 9.94 -5.49
C SER A 132 13.08 10.70 -5.70
N SER A 133 12.34 10.95 -4.62
CA SER A 133 11.06 11.64 -4.74
C SER A 133 10.67 12.21 -3.38
N PHE A 134 9.57 12.97 -3.39
CA PHE A 134 9.05 13.54 -2.15
C PHE A 134 8.44 12.45 -1.28
N SER A 135 8.12 12.83 -0.04
CA SER A 135 7.88 11.85 1.02
C SER A 135 6.41 11.44 1.16
N PHE A 136 5.47 12.34 0.88
CA PHE A 136 4.06 12.13 1.23
C PHE A 136 3.18 12.11 -0.02
N PRO A 137 2.34 11.07 -0.20
CA PRO A 137 2.20 9.86 0.62
C PRO A 137 3.20 8.76 0.20
N SER A 138 3.45 7.78 1.08
CA SER A 138 4.43 6.74 0.77
C SER A 138 3.93 5.82 -0.34
N GLY A 139 4.72 5.70 -1.41
CA GLY A 139 4.29 4.87 -2.52
C GLY A 139 4.30 3.38 -2.20
N HIS A 140 5.30 2.91 -1.45
CA HIS A 140 5.32 1.50 -1.09
C HIS A 140 4.10 1.14 -0.25
N SER A 141 3.72 2.01 0.69
CA SER A 141 2.57 1.75 1.53
C SER A 141 1.28 1.83 0.72
N MET A 142 1.19 2.81 -0.19
N MET A 142 1.20 2.80 -0.18
CA MET A 142 0.02 2.92 -1.04
CA MET A 142 0.04 2.95 -1.05
C MET A 142 -0.10 1.75 -2.00
C MET A 142 -0.09 1.77 -2.00
N ASN A 143 1.04 1.32 -2.58
CA ASN A 143 1.04 0.11 -3.41
C ASN A 143 0.54 -1.09 -2.62
N ALA A 144 1.08 -1.29 -1.41
CA ALA A 144 0.80 -2.53 -0.69
C ALA A 144 -0.64 -2.54 -0.17
N ALA A 145 -1.13 -1.40 0.31
CA ALA A 145 -2.48 -1.34 0.86
C ALA A 145 -3.53 -1.48 -0.23
N CYS A 146 -3.18 -1.18 -1.48
CA CYS A 146 -4.07 -1.43 -2.61
C CYS A 146 -3.93 -2.84 -3.15
N VAL A 147 -2.72 -3.22 -3.57
CA VAL A 147 -2.56 -4.42 -4.39
C VAL A 147 -2.81 -5.69 -3.58
N TYR A 148 -2.30 -5.77 -2.34
CA TYR A 148 -2.45 -7.06 -1.66
C TYR A 148 -3.90 -7.35 -1.27
N PRO A 149 -4.69 -6.39 -0.76
CA PRO A 149 -6.13 -6.66 -0.59
C PRO A 149 -6.85 -6.94 -1.90
N VAL A 150 -6.44 -6.28 -2.99
CA VAL A 150 -7.05 -6.56 -4.30
C VAL A 150 -6.74 -7.98 -4.74
N ILE A 151 -5.47 -8.39 -4.63
CA ILE A 151 -5.10 -9.76 -4.95
C ILE A 151 -5.92 -10.74 -4.12
N ALA A 152 -6.04 -10.47 -2.81
CA ALA A 152 -6.85 -11.31 -1.94
C ALA A 152 -8.28 -11.40 -2.44
N TYR A 153 -8.86 -10.27 -2.85
CA TYR A 153 -10.24 -10.29 -3.31
C TYR A 153 -10.41 -11.18 -4.54
N PHE A 154 -9.52 -11.02 -5.53
CA PHE A 154 -9.67 -11.78 -6.76
C PHE A 154 -9.26 -13.24 -6.60
N LEU A 155 -8.31 -13.55 -5.71
CA LEU A 155 -8.00 -14.95 -5.44
C LEU A 155 -9.18 -15.66 -4.80
N VAL A 156 -9.78 -15.04 -3.78
CA VAL A 156 -10.97 -15.63 -3.15
C VAL A 156 -12.13 -15.70 -4.14
N LYS A 157 -12.22 -14.75 -5.07
CA LYS A 157 -13.29 -14.78 -6.06
C LYS A 157 -13.15 -15.97 -7.01
N HIS A 158 -11.93 -16.30 -7.41
CA HIS A 158 -11.71 -17.22 -8.52
C HIS A 158 -11.16 -18.58 -8.09
N LEU A 159 -10.67 -18.72 -6.86
CA LEU A 159 -10.07 -19.98 -6.45
C LEU A 159 -10.99 -20.66 -5.43
N PRO A 160 -11.83 -21.60 -5.85
CA PRO A 160 -12.76 -22.23 -4.90
C PRO A 160 -12.08 -22.92 -3.74
N PHE A 161 -10.82 -23.37 -3.89
CA PHE A 161 -10.13 -23.99 -2.77
C PHE A 161 -9.72 -22.97 -1.71
N LEU A 162 -9.84 -21.68 -1.98
CA LEU A 162 -9.64 -20.65 -0.98
C LEU A 162 -10.91 -20.29 -0.23
N SER A 163 -12.07 -20.76 -0.69
CA SER A 163 -13.27 -20.65 0.13
C SER A 163 -13.03 -21.35 1.45
N LYS A 164 -13.64 -20.82 2.51
CA LYS A 164 -13.41 -21.22 3.90
C LYS A 164 -12.03 -20.85 4.40
N HIS A 165 -11.20 -20.20 3.58
CA HIS A 165 -9.94 -19.60 4.04
C HIS A 165 -9.93 -18.10 3.79
N LYS A 166 -11.09 -17.51 3.50
CA LYS A 166 -11.15 -16.12 3.06
C LYS A 166 -10.58 -15.17 4.10
N LYS A 167 -10.93 -15.37 5.37
CA LYS A 167 -10.44 -14.48 6.41
C LYS A 167 -8.93 -14.55 6.51
N MET A 168 -8.36 -15.74 6.31
CA MET A 168 -6.91 -15.90 6.39
C MET A 168 -6.20 -15.25 5.20
N VAL A 169 -6.83 -15.30 4.02
CA VAL A 169 -6.23 -14.67 2.85
C VAL A 169 -6.16 -13.16 3.06
N TYR A 170 -7.22 -12.58 3.59
CA TYR A 170 -7.24 -11.14 3.80
C TYR A 170 -6.33 -10.73 4.95
N ILE A 171 -6.23 -11.58 5.98
CA ILE A 171 -5.31 -11.30 7.07
C ILE A 171 -3.87 -11.29 6.57
N ILE A 172 -3.53 -12.23 5.68
CA ILE A 172 -2.19 -12.25 5.09
C ILE A 172 -1.93 -10.98 4.31
N ALA A 173 -2.91 -10.55 3.52
CA ALA A 173 -2.76 -9.30 2.77
C ALA A 173 -2.57 -8.11 3.71
N GLY A 174 -3.31 -8.08 4.82
CA GLY A 174 -3.17 -7.00 5.77
C GLY A 174 -1.83 -7.03 6.49
N VAL A 175 -1.37 -8.23 6.88
CA VAL A 175 -0.07 -8.35 7.53
C VAL A 175 1.03 -7.87 6.60
N ILE A 176 0.97 -8.27 5.33
CA ILE A 176 2.01 -7.89 4.37
C ILE A 176 2.03 -6.36 4.22
N ALA A 177 0.86 -5.76 4.01
CA ALA A 177 0.82 -4.31 3.82
C ALA A 177 1.33 -3.57 5.05
N VAL A 178 0.90 -4.01 6.24
CA VAL A 178 1.36 -3.38 7.47
C VAL A 178 2.88 -3.48 7.59
N LEU A 179 3.42 -4.66 7.28
CA LEU A 179 4.87 -4.86 7.37
C LEU A 179 5.62 -3.98 6.39
N VAL A 180 5.09 -3.85 5.16
CA VAL A 180 5.72 -2.94 4.20
C VAL A 180 5.74 -1.53 4.76
N GLY A 181 4.60 -1.06 5.28
CA GLY A 181 4.58 0.27 5.86
C GLY A 181 5.54 0.43 7.03
N ILE A 182 5.59 -0.57 7.92
CA ILE A 182 6.52 -0.52 9.04
C ILE A 182 7.95 -0.39 8.53
N SER A 183 8.26 -1.11 7.46
CA SER A 183 9.61 -1.14 6.90
C SER A 183 10.02 0.22 6.36
N ARG A 184 9.10 1.00 5.80
CA ARG A 184 9.46 2.34 5.32
C ARG A 184 9.87 3.25 6.48
N VAL A 185 9.22 3.11 7.64
CA VAL A 185 9.61 3.91 8.79
C VAL A 185 10.90 3.36 9.39
N TYR A 186 10.99 2.04 9.54
CA TYR A 186 12.22 1.40 10.01
C TYR A 186 13.43 1.81 9.18
N LEU A 187 13.31 1.76 7.86
CA LEU A 187 14.42 2.05 6.97
C LEU A 187 14.70 3.54 6.81
N GLY A 188 13.96 4.39 7.50
CA GLY A 188 14.26 5.80 7.54
C GLY A 188 14.04 6.57 6.26
N VAL A 189 13.07 6.16 5.44
CA VAL A 189 12.78 6.87 4.20
C VAL A 189 11.35 7.42 4.15
N HIS A 190 10.49 7.05 5.09
CA HIS A 190 9.19 7.67 5.20
C HIS A 190 8.93 7.98 6.66
N PHE A 191 8.13 9.01 6.88
CA PHE A 191 7.53 9.25 8.17
C PHE A 191 6.30 8.37 8.33
N VAL A 192 5.92 8.14 9.59
CA VAL A 192 4.72 7.36 9.86
C VAL A 192 3.52 7.96 9.13
N THR A 193 3.40 9.28 9.13
CA THR A 193 2.23 9.88 8.48
C THR A 193 2.25 9.67 6.98
N ASP A 194 3.44 9.64 6.35
CA ASP A 194 3.51 9.25 4.94
C ASP A 194 2.92 7.86 4.74
N VAL A 195 3.21 6.95 5.67
CA VAL A 195 2.75 5.58 5.55
C VAL A 195 1.23 5.51 5.73
N LEU A 196 0.71 6.17 6.78
CA LEU A 196 -0.73 6.17 7.01
C LEU A 196 -1.46 6.83 5.85
N GLY A 197 -0.91 7.92 5.29
CA GLY A 197 -1.51 8.54 4.13
C GLY A 197 -1.60 7.60 2.94
N GLY A 198 -0.52 6.86 2.68
CA GLY A 198 -0.54 5.90 1.59
C GLY A 198 -1.45 4.72 1.86
N PHE A 199 -1.44 4.22 3.11
CA PHE A 199 -2.38 3.19 3.53
C PHE A 199 -3.81 3.58 3.18
N SER A 200 -4.22 4.78 3.60
CA SER A 200 -5.63 5.15 3.48
C SER A 200 -6.06 5.23 2.02
N LEU A 201 -5.20 5.73 1.13
CA LEU A 201 -5.59 5.86 -0.27
C LEU A 201 -5.46 4.57 -1.06
N GLY A 202 -4.47 3.73 -0.75
CA GLY A 202 -4.43 2.41 -1.36
C GLY A 202 -5.63 1.56 -0.98
N LEU A 203 -6.01 1.60 0.31
CA LEU A 203 -7.19 0.89 0.76
C LEU A 203 -8.45 1.46 0.12
N LEU A 204 -8.51 2.78 -0.05
CA LEU A 204 -9.63 3.40 -0.75
C LEU A 204 -9.78 2.83 -2.15
N LEU A 205 -8.67 2.76 -2.90
CA LEU A 205 -8.72 2.23 -4.26
C LEU A 205 -9.15 0.78 -4.28
N PHE A 206 -8.69 0.00 -3.29
CA PHE A 206 -9.16 -1.38 -3.14
C PHE A 206 -10.67 -1.44 -2.99
N PHE A 207 -11.22 -0.67 -2.04
CA PHE A 207 -12.66 -0.73 -1.81
C PHE A 207 -13.43 -0.28 -3.04
N LEU A 208 -12.88 0.68 -3.79
CA LEU A 208 -13.55 1.14 -5.00
C LEU A 208 -13.62 0.04 -6.05
N VAL A 209 -12.51 -0.65 -6.30
CA VAL A 209 -12.49 -1.68 -7.34
C VAL A 209 -13.26 -2.92 -6.88
N LYS A 210 -13.24 -3.23 -5.59
CA LYS A 210 -14.06 -4.33 -5.07
C LYS A 210 -15.55 -4.01 -5.21
N GLY A 211 -15.95 -2.80 -4.80
CA GLY A 211 -17.35 -2.42 -4.92
C GLY A 211 -17.84 -2.43 -6.35
N PHE A 212 -16.99 -1.97 -7.29
CA PHE A 212 -17.34 -2.00 -8.70
C PHE A 212 -17.50 -3.43 -9.20
N ASP A 213 -16.53 -4.28 -8.92
CA ASP A 213 -16.58 -5.65 -9.41
C ASP A 213 -17.80 -6.39 -8.88
N GLU A 214 -18.15 -6.15 -7.62
CA GLU A 214 -19.31 -6.81 -7.05
C GLU A 214 -20.59 -6.24 -7.64
N LYS A 215 -20.61 -4.92 -7.88
CA LYS A 215 -21.80 -4.27 -8.41
C LYS A 215 -22.17 -4.81 -9.79
N ILE A 216 -21.17 -5.11 -10.62
CA ILE A 216 -21.46 -5.54 -12.00
C ILE A 216 -21.76 -7.03 -12.11
N LYS A 217 -21.74 -7.77 -11.00
CA LYS A 217 -22.06 -9.19 -11.09
C LYS A 217 -23.51 -9.38 -11.50
N ARG A 218 -23.74 -10.41 -12.30
CA ARG A 218 -25.08 -10.69 -12.79
C ARG A 218 -25.78 -11.76 -11.97
N PHE A 219 -25.02 -12.47 -11.13
CA PHE A 219 -25.51 -13.38 -10.12
C PHE A 219 -24.73 -13.10 -8.84
N ARG A 220 -25.39 -13.27 -7.70
CA ARG A 220 -24.72 -12.97 -6.44
C ARG A 220 -23.68 -14.05 -6.12
C18 OLC B . -4.23 -20.53 -10.11
C10 OLC B . 1.41 -17.18 -6.56
C9 OLC B . 2.64 -16.76 -6.37
C17 OLC B . -3.49 -19.43 -10.88
C11 OLC B . 0.63 -16.84 -7.83
C8 OLC B . 3.35 -15.91 -7.42
C24 OLC B . 12.33 -6.80 -10.25
C16 OLC B . -3.76 -18.05 -10.27
C12 OLC B . 0.93 -17.86 -8.93
C7 OLC B . 4.81 -15.71 -7.04
C15 OLC B . -2.75 -17.76 -9.18
C13 OLC B . -0.37 -18.48 -9.46
C6 OLC B . 5.48 -14.84 -8.11
C14 OLC B . -1.39 -17.39 -9.77
C5 OLC B . 6.63 -14.04 -7.52
C4 OLC B . 6.54 -12.58 -7.98
C3 OLC B . 7.62 -12.28 -9.03
C2 OLC B . 7.84 -10.77 -9.09
C21 OLC B . 10.72 -8.71 -10.23
C1 OLC B . 9.12 -10.44 -9.86
C22 OLC B . 11.85 -8.02 -9.48
O19 OLC B . 9.32 -10.94 -10.92
O25 OLC B . 12.77 -5.81 -9.34
O23 OLC B . 11.40 -7.62 -8.22
O20 OLC B . 10.07 -9.56 -9.33
C18 OLC C . -12.39 7.10 9.80
C10 OLC C . -9.69 10.40 12.47
C9 OLC C . -8.58 10.87 13.00
C17 OLC C . -12.84 8.30 10.64
C11 OLC C . -10.11 10.72 11.04
C8 OLC C . -7.64 11.74 12.16
C24 OLC C . -2.44 19.89 17.18
C16 OLC C . -13.92 9.12 9.95
C12 OLC C . -11.44 11.46 11.08
C7 OLC C . -6.29 11.87 12.86
C15 OLC C . -13.39 9.81 8.68
C13 OLC C . -12.07 11.68 9.71
C6 OLC C . -5.22 12.30 11.84
C14 OLC C . -11.99 10.41 8.90
C5 OLC C . -3.85 11.82 12.32
C4 OLC C . -2.92 13.02 12.46
C3 OLC C . -3.18 13.71 13.80
C2 OLC C . -3.75 15.09 13.54
C21 OLC C . -3.12 17.80 16.06
C1 OLC C . -3.69 15.89 14.83
C22 OLC C . -2.84 19.26 15.86
O19 OLC C . -3.95 15.37 15.86
O25 OLC C . -1.83 21.12 16.90
O23 OLC C . -1.78 19.35 14.95
O20 OLC C . -3.31 17.23 14.79
C18 OLC D . -13.39 17.25 9.63
C10 OLC D . -8.54 20.25 5.29
C9 OLC D . -8.14 20.43 4.05
C17 OLC D . -13.62 16.09 8.68
C11 OLC D . -8.57 18.86 5.91
C8 OLC D . -7.71 19.23 3.20
C24 OLC D . 1.58 26.16 4.86
C16 OLC D . -13.58 16.61 7.24
C12 OLC D . -9.94 18.59 6.50
C7 OLC D . -6.72 19.67 2.12
C15 OLC D . -12.19 17.18 6.95
C13 OLC D . -11.04 18.90 5.49
C6 OLC D . -5.31 19.73 2.71
C14 OLC D . -12.22 17.92 5.61
C5 OLC D . -4.50 20.77 1.95
C4 OLC D . -3.26 21.13 2.76
C3 OLC D . -3.52 22.38 3.57
C2 OLC D . -2.27 22.76 4.36
C21 OLC D . 0.50 24.90 3.01
C1 OLC D . -1.32 23.54 3.46
C22 OLC D . 0.95 26.28 3.48
O19 OLC D . -1.44 23.50 2.28
O25 OLC D . 2.87 26.70 4.80
O23 OLC D . 1.91 26.75 2.57
O20 OLC D . -0.30 24.33 4.01
C18 OLC E . -18.22 2.05 -8.56
C10 OLC E . -10.33 1.00 -10.33
C9 OLC E . -9.57 1.60 -11.23
C17 OLC E . -16.80 2.62 -8.56
C11 OLC E . -11.61 1.63 -9.83
C8 OLC E . -9.95 2.96 -11.82
C24 OLC E . 1.77 5.14 -14.19
C16 OLC E . -16.48 3.12 -9.98
C12 OLC E . -12.80 0.73 -10.20
C7 OLC E . -9.66 2.95 -13.32
C15 OLC E . -15.01 2.85 -10.29
C13 OLC E . -13.45 1.24 -11.47
C6 OLC E . -8.98 4.24 -13.77
C14 OLC E . -14.90 1.62 -11.19
C5 OLC E . -7.86 3.94 -14.77
C4 OLC E . -6.74 4.99 -14.72
C3 OLC E . -5.42 4.34 -15.17
C2 OLC E . -4.26 5.30 -14.91
C21 OLC E . -0.60 4.64 -14.95
C1 OLC E . -2.93 4.67 -15.34
C22 OLC E . 0.30 5.47 -14.03
O19 OLC E . -2.89 3.57 -15.75
O25 OLC E . 2.51 6.22 -13.69
O23 OLC E . 0.13 6.82 -14.34
O20 OLC E . -1.74 5.41 -15.24
C10 OLC F . -4.72 -2.63 -18.09
C9 OLC F . -3.84 -1.81 -17.51
C11 OLC F . -5.97 -2.06 -18.72
C8 OLC F . -4.10 -0.32 -17.47
C24 OLC F . 7.20 3.08 -11.44
C12 OLC F . -7.10 -2.06 -17.69
C7 OLC F . -2.78 0.42 -17.39
C6 OLC F . -1.74 -0.38 -16.63
C5 OLC F . -0.87 0.52 -15.76
C4 OLC F . 0.59 0.11 -15.84
C3 OLC F . 1.27 0.23 -14.47
C2 OLC F . 1.89 1.61 -14.29
C21 OLC F . 5.29 2.68 -12.98
C1 OLC F . 3.16 1.49 -13.48
C22 OLC F . 5.74 2.69 -11.52
O19 OLC F . 3.59 0.39 -13.17
O25 OLC F . 7.34 4.48 -11.68
O23 OLC F . 4.95 3.63 -10.79
O20 OLC F . 3.87 2.68 -13.05
W WO4 G . 8.31 5.54 -1.48
W WO4 G . 8.34 4.97 -4.73
O1 WO4 G . 10.17 5.98 -0.79
O1 WO4 G . 8.56 5.69 -6.64
O2 WO4 G . 7.19 7.21 -1.68
O2 WO4 G . 6.61 5.70 -4.01
O3 WO4 G . 8.47 4.75 -3.35
O3 WO4 G . 8.37 2.93 -4.82
O4 WO4 G . 7.44 4.33 -0.13
O4 WO4 G . 9.84 5.62 -3.53
#